data_5UD3
#
_entry.id   5UD3
#
_cell.length_a   39.480
_cell.length_b   64.904
_cell.length_c   62.706
_cell.angle_alpha   82.10
_cell.angle_beta   74.17
_cell.angle_gamma   75.83
#
_symmetry.space_group_name_H-M   'P 1'
#
loop_
_entity.id
_entity.type
_entity.pdbx_description
1 polymer 'Fructose-bisphosphate aldolase'
2 non-polymer 'SODIUM ION'
3 non-polymer 'ZINC ION'
4 non-polymer 1,6-di-O-phosphono-D-fructose
5 water water
#
_entity_poly.entity_id   1
_entity_poly.type   'polypeptide(L)'
_entity_poly.pdbx_seq_one_letter_code
;MLVKGNEILLKAHKEGYGVGAFNFVNFEMLNAIFEAGNEENSPLFIQASEGAIKYMGIDMAVGMVKIMCERYPHIPVALH
LDHGTTFESCEKAVKAGFTSVMIDASHHAFEENLELTSKVVKMAHNAGVSVEAELGRLMGIEDNISVDEKDAVLVNPKEA
EQFVKESQVDYLAPAIGTSQGAFKFKGEPKLDFERLQEVKRLTNIPLVLHGASAIPDNVRKSYLDAGGDLKGSKGVPFEF
LQESVKGGINKVNTDTDLRIAFIAEVRKVANEDKSQFDLRKFFSPAQLALKNVVKERMKLLGSANKI
;
_entity_poly.pdbx_strand_id   A,B
#
# COMPACT_ATOMS: atom_id res chain seq x y z
N MET A 1 8.99 -18.24 6.71
CA MET A 1 7.52 -18.16 6.98
C MET A 1 7.25 -17.27 8.19
N LEU A 2 5.97 -17.03 8.45
CA LEU A 2 5.55 -16.25 9.61
C LEU A 2 5.64 -17.09 10.87
N VAL A 3 6.39 -16.61 11.87
CA VAL A 3 6.75 -17.40 13.04
C VAL A 3 6.68 -16.53 14.28
N LYS A 4 6.62 -17.21 15.44
CA LYS A 4 6.66 -16.54 16.73
C LYS A 4 7.93 -15.70 16.83
N GLY A 5 7.82 -14.53 17.45
CA GLY A 5 8.98 -13.65 17.52
C GLY A 5 10.17 -14.33 18.19
N ASN A 6 9.91 -15.13 19.22
CA ASN A 6 10.97 -15.78 19.96
C ASN A 6 11.79 -16.72 19.08
N GLU A 7 11.15 -17.29 18.06
CA GLU A 7 11.86 -18.20 17.17
C GLU A 7 13.06 -17.49 16.55
N ILE A 8 12.84 -16.27 16.08
CA ILE A 8 13.90 -15.49 15.47
C ILE A 8 14.87 -14.97 16.53
N LEU A 9 14.35 -14.46 17.65
CA LEU A 9 15.22 -13.75 18.57
C LEU A 9 15.99 -14.68 19.49
N LEU A 10 15.49 -15.88 19.78
CA LEU A 10 16.29 -16.81 20.56
C LEU A 10 17.54 -17.22 19.80
N LYS A 11 17.42 -17.40 18.48
CA LYS A 11 18.58 -17.71 17.67
C LYS A 11 19.58 -16.55 17.70
N ALA A 12 19.09 -15.32 17.51
CA ALA A 12 19.96 -14.15 17.54
C ALA A 12 20.64 -14.00 18.89
N HIS A 13 19.88 -14.26 19.96
CA HIS A 13 20.41 -14.22 21.31
C HIS A 13 21.57 -15.21 21.49
N LYS A 14 21.35 -16.47 21.11
CA LYS A 14 22.35 -17.50 21.35
C LYS A 14 23.56 -17.33 20.44
N GLU A 15 23.36 -16.81 19.22
CA GLU A 15 24.45 -16.65 18.26
C GLU A 15 25.06 -15.25 18.30
N GLY A 16 24.51 -14.33 19.07
CA GLY A 16 25.10 -13.02 19.27
C GLY A 16 25.01 -12.05 18.12
N TYR A 17 23.85 -11.97 17.46
CA TYR A 17 23.65 -10.98 16.41
C TYR A 17 22.35 -10.22 16.65
N GLY A 18 22.20 -9.13 15.92
CA GLY A 18 21.01 -8.30 15.99
C GLY A 18 20.12 -8.46 14.77
N VAL A 19 18.82 -8.47 15.01
CA VAL A 19 17.83 -8.53 13.95
C VAL A 19 17.13 -7.19 13.92
N GLY A 20 17.24 -6.48 12.80
CA GLY A 20 16.48 -5.25 12.65
C GLY A 20 14.98 -5.51 12.72
N ALA A 21 14.29 -4.62 13.44
CA ALA A 21 12.83 -4.66 13.53
C ALA A 21 12.32 -3.41 12.84
N PHE A 22 11.74 -3.60 11.65
CA PHE A 22 11.51 -2.49 10.74
C PHE A 22 10.02 -2.15 10.71
N ASN A 23 9.70 -0.90 10.99
CA ASN A 23 8.32 -0.45 10.99
C ASN A 23 7.81 -0.27 9.56
N PHE A 24 6.51 -0.47 9.38
CA PHE A 24 5.87 -0.17 8.11
C PHE A 24 4.52 0.48 8.34
N VAL A 25 4.07 1.26 7.35
CA VAL A 25 2.74 1.87 7.36
C VAL A 25 1.94 1.58 6.10
N ASN A 26 2.55 0.95 5.10
CA ASN A 26 1.83 0.73 3.84
C ASN A 26 2.59 -0.31 3.01
N PHE A 27 2.09 -0.54 1.78
CA PHE A 27 2.67 -1.58 0.93
C PHE A 27 4.11 -1.27 0.53
N GLU A 28 4.39 -0.02 0.13
CA GLU A 28 5.72 0.30 -0.38
C GLU A 28 6.80 0.06 0.67
N MET A 29 6.54 0.44 1.92
CA MET A 29 7.52 0.18 2.97
C MET A 29 7.71 -1.32 3.15
N LEU A 30 6.61 -2.06 3.21
CA LEU A 30 6.68 -3.49 3.45
C LEU A 30 7.41 -4.21 2.33
N ASN A 31 7.11 -3.84 1.08
CA ASN A 31 7.77 -4.50 -0.04
C ASN A 31 9.27 -4.30 0.01
N ALA A 32 9.70 -3.07 0.27
CA ALA A 32 11.13 -2.77 0.31
C ALA A 32 11.83 -3.52 1.44
N ILE A 33 11.18 -3.62 2.60
CA ILE A 33 11.77 -4.37 3.71
C ILE A 33 11.96 -5.84 3.33
N PHE A 34 10.94 -6.45 2.69
CA PHE A 34 11.03 -7.86 2.33
C PHE A 34 12.09 -8.08 1.26
N GLU A 35 12.15 -7.21 0.23
CA GLU A 35 13.17 -7.39 -0.78
C GLU A 35 14.57 -7.28 -0.19
N ALA A 36 14.75 -6.42 0.81
CA ALA A 36 16.05 -6.33 1.47
C ALA A 36 16.39 -7.66 2.17
N GLY A 37 15.43 -8.20 2.92
CA GLY A 37 15.66 -9.47 3.59
C GLY A 37 15.95 -10.59 2.62
N ASN A 38 15.25 -10.59 1.48
CA ASN A 38 15.52 -11.61 0.47
C ASN A 38 16.93 -11.46 -0.08
N GLU A 39 17.35 -10.22 -0.35
CA GLU A 39 18.64 -9.99 -0.99
C GLU A 39 19.80 -10.21 -0.05
N GLU A 40 19.60 -10.02 1.25
CA GLU A 40 20.65 -10.22 2.24
C GLU A 40 20.53 -11.55 2.97
N ASN A 41 19.57 -12.39 2.60
CA ASN A 41 19.35 -13.68 3.25
C ASN A 41 19.25 -13.51 4.77
N SER A 42 18.38 -12.58 5.19
CA SER A 42 18.24 -12.21 6.58
C SER A 42 16.83 -12.47 7.10
N PRO A 43 16.68 -12.97 8.33
CA PRO A 43 15.36 -12.99 8.97
C PRO A 43 14.85 -11.56 9.14
N LEU A 44 13.53 -11.46 9.28
CA LEU A 44 12.84 -10.18 9.31
C LEU A 44 11.96 -10.09 10.54
N PHE A 45 12.09 -9.01 11.30
CA PHE A 45 11.04 -8.58 12.22
C PHE A 45 10.32 -7.41 11.57
N ILE A 46 9.03 -7.60 11.29
CA ILE A 46 8.19 -6.56 10.72
C ILE A 46 7.31 -6.04 11.84
N GLN A 47 7.28 -4.74 12.04
CA GLN A 47 6.51 -4.21 13.15
C GLN A 47 5.61 -3.06 12.73
N ALA A 48 4.49 -2.97 13.43
CA ALA A 48 3.49 -1.93 13.19
C ALA A 48 3.13 -1.33 14.53
N SER A 49 3.23 -0.01 14.61
CA SER A 49 2.76 0.74 15.77
C SER A 49 1.24 0.79 15.80
N GLU A 50 0.69 1.24 16.94
CA GLU A 50 -0.75 1.42 17.04
C GLU A 50 -1.25 2.41 16.00
N GLY A 51 -0.48 3.48 15.75
CA GLY A 51 -0.88 4.45 14.74
C GLY A 51 -0.84 3.87 13.34
N ALA A 52 0.16 3.04 13.05
CA ALA A 52 0.21 2.37 11.75
C ALA A 52 -0.98 1.44 11.58
N ILE A 53 -1.36 0.74 12.66
CA ILE A 53 -2.51 -0.15 12.61
C ILE A 53 -3.79 0.64 12.36
N LYS A 54 -3.94 1.80 13.00
CA LYS A 54 -5.12 2.62 12.77
C LYS A 54 -5.17 3.07 11.31
N TYR A 55 -4.01 3.40 10.74
CA TYR A 55 -3.92 3.91 9.37
C TYR A 55 -4.27 2.83 8.37
N MET A 56 -3.70 1.63 8.52
CA MET A 56 -3.93 0.54 7.57
C MET A 56 -5.21 -0.22 7.85
N GLY A 57 -5.63 -0.29 9.11
CA GLY A 57 -6.57 -1.29 9.58
C GLY A 57 -5.83 -2.55 9.92
N ILE A 58 -6.10 -3.16 11.07
CA ILE A 58 -5.32 -4.32 11.51
C ILE A 58 -5.48 -5.48 10.53
N ASP A 59 -6.65 -5.60 9.90
CA ASP A 59 -6.87 -6.64 8.90
C ASP A 59 -5.93 -6.50 7.71
N MET A 60 -5.65 -5.25 7.30
CA MET A 60 -4.74 -5.04 6.17
C MET A 60 -3.28 -5.18 6.59
N ALA A 61 -2.95 -4.72 7.80
CA ALA A 61 -1.59 -4.89 8.31
C ALA A 61 -1.20 -6.37 8.29
N VAL A 62 -2.02 -7.21 8.91
CA VAL A 62 -1.72 -8.64 8.94
C VAL A 62 -1.83 -9.23 7.55
N GLY A 63 -2.87 -8.86 6.80
CA GLY A 63 -3.10 -9.49 5.51
C GLY A 63 -1.97 -9.24 4.53
N MET A 64 -1.46 -8.00 4.48
CA MET A 64 -0.36 -7.71 3.58
C MET A 64 0.89 -8.49 3.97
N VAL A 65 1.15 -8.60 5.27
CA VAL A 65 2.32 -9.35 5.70
C VAL A 65 2.19 -10.82 5.34
N LYS A 66 0.99 -11.40 5.50
CA LYS A 66 0.82 -12.80 5.13
C LYS A 66 1.05 -13.02 3.65
N ILE A 67 0.61 -12.09 2.81
CA ILE A 67 0.89 -12.18 1.37
C ILE A 67 2.38 -12.15 1.12
N MET A 68 3.09 -11.24 1.79
CA MET A 68 4.53 -11.12 1.58
C MET A 68 5.27 -12.35 2.07
N CYS A 69 4.86 -12.93 3.20
N CYS A 69 4.85 -12.94 3.19
CA CYS A 69 5.48 -14.16 3.67
CA CYS A 69 5.54 -14.14 3.67
C CYS A 69 5.30 -15.29 2.67
C CYS A 69 5.28 -15.34 2.76
N GLU A 70 4.13 -15.39 2.06
N GLU A 70 4.14 -15.37 2.06
CA GLU A 70 3.90 -16.43 1.05
CA GLU A 70 3.91 -16.41 1.07
C GLU A 70 4.71 -16.15 -0.21
C GLU A 70 4.71 -16.15 -0.20
N ARG A 71 5.00 -14.88 -0.50
CA ARG A 71 5.84 -14.56 -1.64
C ARG A 71 7.29 -14.97 -1.39
N TYR A 72 7.72 -14.94 -0.13
CA TYR A 72 9.10 -15.25 0.27
C TYR A 72 9.09 -16.26 1.40
N PRO A 73 8.66 -17.49 1.12
CA PRO A 73 8.39 -18.45 2.21
C PRO A 73 9.63 -18.93 2.94
N HIS A 74 10.82 -18.74 2.36
CA HIS A 74 12.04 -19.18 3.01
C HIS A 74 12.54 -18.20 4.06
N ILE A 75 11.97 -17.01 4.17
CA ILE A 75 12.46 -15.98 5.08
C ILE A 75 11.70 -16.11 6.41
N PRO A 76 12.38 -16.32 7.53
CA PRO A 76 11.69 -16.22 8.82
C PRO A 76 11.21 -14.81 9.07
N VAL A 77 9.92 -14.67 9.37
CA VAL A 77 9.30 -13.37 9.57
C VAL A 77 8.47 -13.41 10.84
N ALA A 78 8.66 -12.43 11.71
CA ALA A 78 7.74 -12.20 12.81
C ALA A 78 7.01 -10.88 12.58
N LEU A 79 5.73 -10.86 12.92
CA LEU A 79 4.89 -9.68 12.82
C LEU A 79 4.59 -9.19 14.24
N HIS A 80 5.04 -7.98 14.55
CA HIS A 80 5.17 -7.50 15.91
C HIS A 80 4.38 -6.21 16.11
N LEU A 81 3.58 -6.18 17.18
CA LEU A 81 2.91 -4.95 17.61
C LEU A 81 3.94 -4.13 18.38
N ASP A 82 4.29 -2.98 17.83
CA ASP A 82 5.27 -2.08 18.43
C ASP A 82 4.57 -1.09 19.34
N HIS A 83 5.02 -1.01 20.59
N HIS A 83 5.03 -1.01 20.59
N HIS A 83 5.02 -1.00 20.60
CA HIS A 83 4.51 -0.06 21.57
CA HIS A 83 4.51 -0.05 21.57
CA HIS A 83 4.50 -0.03 21.54
C HIS A 83 3.00 -0.13 21.72
C HIS A 83 3.00 -0.13 21.72
C HIS A 83 2.98 -0.13 21.72
N GLY A 84 2.52 -1.35 22.00
CA GLY A 84 1.17 -1.48 22.51
C GLY A 84 1.04 -0.74 23.83
N THR A 85 -0.06 -0.04 24.01
CA THR A 85 -0.24 0.81 25.19
C THR A 85 -1.26 0.25 26.18
N THR A 86 -2.03 -0.76 25.79
CA THR A 86 -3.04 -1.35 26.66
C THR A 86 -3.09 -2.85 26.44
N PHE A 87 -3.60 -3.55 27.45
CA PHE A 87 -3.86 -4.97 27.33
C PHE A 87 -4.76 -5.24 26.14
N GLU A 88 -5.83 -4.44 26.00
CA GLU A 88 -6.81 -4.67 24.93
C GLU A 88 -6.17 -4.55 23.55
N SER A 89 -5.26 -3.59 23.37
CA SER A 89 -4.57 -3.45 22.10
C SER A 89 -3.72 -4.69 21.81
N CYS A 90 -2.99 -5.18 22.81
CA CYS A 90 -2.20 -6.39 22.62
C CYS A 90 -3.08 -7.58 22.30
N GLU A 91 -4.23 -7.68 22.96
CA GLU A 91 -5.15 -8.77 22.72
C GLU A 91 -5.72 -8.72 21.31
N LYS A 92 -6.09 -7.51 20.84
CA LYS A 92 -6.57 -7.37 19.47
C LYS A 92 -5.51 -7.83 18.47
N ALA A 93 -4.24 -7.50 18.74
CA ALA A 93 -3.18 -7.91 17.83
C ALA A 93 -3.01 -9.42 17.82
N VAL A 94 -3.03 -10.04 19.01
CA VAL A 94 -2.99 -11.52 19.07
C VAL A 94 -4.12 -12.11 18.23
N LYS A 95 -5.34 -11.61 18.42
CA LYS A 95 -6.49 -12.20 17.74
C LYS A 95 -6.42 -11.99 16.23
N ALA A 96 -5.81 -10.87 15.78
CA ALA A 96 -5.71 -10.60 14.36
C ALA A 96 -4.62 -11.42 13.67
N GLY A 97 -3.66 -11.96 14.43
CA GLY A 97 -2.63 -12.80 13.86
C GLY A 97 -1.20 -12.32 14.01
N PHE A 98 -0.96 -11.29 14.82
CA PHE A 98 0.41 -10.93 15.14
C PHE A 98 1.09 -12.09 15.86
N THR A 99 2.40 -12.23 15.66
CA THR A 99 3.14 -13.31 16.31
C THR A 99 4.07 -12.82 17.41
N SER A 100 4.03 -11.52 17.69
CA SER A 100 4.79 -10.92 18.77
C SER A 100 4.06 -9.63 19.14
N VAL A 101 3.98 -9.32 20.43
CA VAL A 101 3.38 -8.07 20.88
C VAL A 101 4.26 -7.42 21.93
N MET A 102 4.31 -6.09 21.91
CA MET A 102 4.99 -5.33 22.94
C MET A 102 3.98 -4.54 23.76
N ILE A 103 4.14 -4.58 25.08
CA ILE A 103 3.41 -3.72 26.00
C ILE A 103 4.41 -2.76 26.63
N ASP A 104 4.20 -1.46 26.44
CA ASP A 104 5.04 -0.44 27.04
C ASP A 104 4.32 0.09 28.27
N ALA A 105 4.72 -0.42 29.43
CA ALA A 105 4.24 0.07 30.71
C ALA A 105 5.37 0.69 31.53
N SER A 106 6.44 1.14 30.86
CA SER A 106 7.64 1.60 31.54
C SER A 106 7.44 2.93 32.25
N HIS A 107 6.38 3.65 31.96
CA HIS A 107 6.07 4.87 32.70
C HIS A 107 5.46 4.58 34.05
N HIS A 108 5.14 3.32 34.33
CA HIS A 108 4.60 2.93 35.63
C HIS A 108 5.74 2.50 36.55
N ALA A 109 5.45 2.55 37.84
CA ALA A 109 6.34 1.99 38.84
C ALA A 109 6.53 0.49 38.59
N PHE A 110 7.65 -0.04 39.09
CA PHE A 110 8.00 -1.43 38.84
C PHE A 110 6.82 -2.37 39.01
N GLU A 111 6.12 -2.27 40.14
CA GLU A 111 5.10 -3.26 40.47
C GLU A 111 3.96 -3.24 39.44
N GLU A 112 3.53 -2.03 39.02
CA GLU A 112 2.44 -1.93 38.06
C GLU A 112 2.89 -2.34 36.66
N ASN A 113 4.12 -1.98 36.28
CA ASN A 113 4.69 -2.44 35.02
C ASN A 113 4.72 -3.96 34.99
N LEU A 114 5.22 -4.57 36.07
CA LEU A 114 5.27 -6.02 36.15
C LEU A 114 3.87 -6.64 36.08
N GLU A 115 2.90 -6.07 36.80
CA GLU A 115 1.55 -6.63 36.80
C GLU A 115 0.95 -6.62 35.40
N LEU A 116 1.01 -5.47 34.71
CA LEU A 116 0.40 -5.36 33.38
C LEU A 116 1.15 -6.23 32.38
N THR A 117 2.48 -6.24 32.43
CA THR A 117 3.24 -7.08 31.53
C THR A 117 2.90 -8.56 31.74
N SER A 118 2.78 -8.99 32.99
CA SER A 118 2.47 -10.39 33.26
C SER A 118 1.10 -10.77 32.73
N LYS A 119 0.13 -9.87 32.84
CA LYS A 119 -1.20 -10.11 32.26
C LYS A 119 -1.12 -10.27 30.74
N VAL A 120 -0.37 -9.40 30.06
CA VAL A 120 -0.19 -9.54 28.62
C VAL A 120 0.51 -10.87 28.29
N VAL A 121 1.55 -11.22 29.04
CA VAL A 121 2.28 -12.47 28.77
C VAL A 121 1.37 -13.67 28.89
N LYS A 122 0.56 -13.72 29.95
CA LYS A 122 -0.31 -14.88 30.13
C LYS A 122 -1.24 -15.04 28.93
N MET A 123 -1.85 -13.93 28.51
CA MET A 123 -2.76 -13.96 27.37
C MET A 123 -2.03 -14.35 26.08
N ALA A 124 -0.86 -13.74 25.84
CA ALA A 124 -0.14 -13.98 24.59
C ALA A 124 0.43 -15.39 24.54
N HIS A 125 1.04 -15.84 25.64
CA HIS A 125 1.59 -17.20 25.64
C HIS A 125 0.51 -18.24 25.43
N ASN A 126 -0.69 -18.00 25.98
CA ASN A 126 -1.77 -18.94 25.77
C ASN A 126 -2.15 -19.05 24.30
N ALA A 127 -1.84 -18.03 23.50
CA ALA A 127 -2.12 -18.02 22.07
C ALA A 127 -0.89 -18.30 21.23
N GLY A 128 0.24 -18.65 21.86
CA GLY A 128 1.45 -18.93 21.11
C GLY A 128 2.12 -17.70 20.52
N VAL A 129 2.04 -16.56 21.21
CA VAL A 129 2.59 -15.29 20.77
C VAL A 129 3.64 -14.84 21.78
N SER A 130 4.76 -14.31 21.29
CA SER A 130 5.86 -13.81 22.13
C SER A 130 5.61 -12.37 22.53
N VAL A 131 6.27 -11.96 23.61
CA VAL A 131 6.01 -10.65 24.22
C VAL A 131 7.32 -9.91 24.50
N GLU A 132 7.28 -8.61 24.22
CA GLU A 132 8.31 -7.65 24.59
C GLU A 132 7.75 -6.69 25.63
N ALA A 133 8.60 -6.28 26.58
CA ALA A 133 8.25 -5.24 27.55
C ALA A 133 9.43 -4.28 27.69
N GLU A 134 9.22 -3.22 28.45
N GLU A 134 9.22 -3.21 28.47
CA GLU A 134 10.20 -2.14 28.54
CA GLU A 134 10.15 -2.09 28.54
C GLU A 134 10.38 -1.74 30.00
C GLU A 134 10.36 -1.71 30.00
N LEU A 135 11.61 -1.42 30.37
CA LEU A 135 11.94 -1.10 31.75
C LEU A 135 12.99 -0.01 31.77
N GLY A 136 12.74 1.02 32.57
CA GLY A 136 13.60 2.20 32.60
C GLY A 136 13.01 3.32 31.76
N ARG A 137 13.47 4.54 32.06
CA ARG A 137 13.06 5.74 31.35
C ARG A 137 14.26 6.65 31.18
N LEU A 138 14.18 7.51 30.16
CA LEU A 138 15.27 8.42 29.87
C LEU A 138 15.29 9.60 30.85
N VAL A 153 14.65 7.24 35.67
CA VAL A 153 16.03 6.79 35.60
C VAL A 153 16.15 5.62 34.63
N LEU A 154 17.37 5.38 34.15
CA LEU A 154 17.64 4.26 33.26
C LEU A 154 17.40 2.93 33.99
N VAL A 155 17.51 1.84 33.22
CA VAL A 155 17.16 0.52 33.76
C VAL A 155 18.02 0.19 34.98
N ASN A 156 17.36 -0.36 35.99
CA ASN A 156 18.03 -0.95 37.15
C ASN A 156 18.23 -2.42 36.81
N PRO A 157 19.47 -2.88 36.59
CA PRO A 157 19.64 -4.27 36.14
C PRO A 157 19.06 -5.29 37.11
N LYS A 158 19.08 -5.03 38.41
CA LYS A 158 18.50 -5.98 39.35
C LYS A 158 16.98 -6.02 39.21
N GLU A 159 16.34 -4.87 38.95
CA GLU A 159 14.93 -4.89 38.59
C GLU A 159 14.70 -5.70 37.34
N ALA A 160 15.55 -5.53 36.33
CA ALA A 160 15.36 -6.26 35.09
C ALA A 160 15.39 -7.76 35.34
N GLU A 161 16.33 -8.21 36.19
CA GLU A 161 16.43 -9.63 36.50
C GLU A 161 15.13 -10.17 37.08
N GLN A 162 14.59 -9.50 38.12
CA GLN A 162 13.37 -9.99 38.74
C GLN A 162 12.18 -9.81 37.81
N PHE A 163 12.14 -8.71 37.09
CA PHE A 163 11.05 -8.45 36.15
C PHE A 163 10.91 -9.60 35.15
N VAL A 164 12.04 -10.04 34.57
CA VAL A 164 11.99 -11.11 33.60
C VAL A 164 11.61 -12.43 34.26
N LYS A 165 12.19 -12.71 35.44
CA LYS A 165 11.92 -13.98 36.11
C LYS A 165 10.44 -14.11 36.44
N GLU A 166 9.82 -13.03 36.93
CA GLU A 166 8.44 -13.09 37.39
C GLU A 166 7.43 -12.98 36.24
N SER A 167 7.73 -12.18 35.21
CA SER A 167 6.76 -11.95 34.14
C SER A 167 6.80 -13.04 33.07
N GLN A 168 7.95 -13.68 32.90
CA GLN A 168 8.21 -14.64 31.81
C GLN A 168 8.20 -13.97 30.44
N VAL A 169 8.39 -12.65 30.40
CA VAL A 169 8.45 -11.94 29.13
C VAL A 169 9.61 -12.50 28.30
N ASP A 170 9.41 -12.53 26.97
CA ASP A 170 10.36 -13.20 26.09
C ASP A 170 11.56 -12.31 25.77
N TYR A 171 11.35 -11.01 25.63
CA TYR A 171 12.45 -10.09 25.35
C TYR A 171 12.15 -8.76 26.03
N LEU A 172 13.23 -8.07 26.40
CA LEU A 172 13.13 -6.87 27.22
C LEU A 172 13.87 -5.73 26.54
N ALA A 173 13.25 -4.55 26.54
CA ALA A 173 13.86 -3.31 26.06
C ALA A 173 14.32 -2.52 27.27
N PRO A 174 15.59 -2.60 27.66
CA PRO A 174 16.06 -1.83 28.81
C PRO A 174 16.51 -0.45 28.39
N ALA A 175 16.12 0.55 29.18
CA ALA A 175 16.49 1.93 28.85
C ALA A 175 17.95 2.14 29.16
N ILE A 176 18.73 2.45 28.12
CA ILE A 176 20.16 2.69 28.24
C ILE A 176 20.56 4.01 27.59
N GLY A 177 19.61 4.80 27.12
CA GLY A 177 19.91 6.14 26.64
C GLY A 177 19.34 6.59 25.31
N THR A 178 18.69 5.70 24.55
CA THR A 178 18.12 6.13 23.28
C THR A 178 16.79 6.86 23.49
N SER A 179 16.31 7.45 22.41
CA SER A 179 14.96 8.01 22.33
C SER A 179 14.53 7.90 20.88
N GLN A 180 13.22 8.03 20.65
CA GLN A 180 12.69 7.89 19.29
C GLN A 180 12.88 9.18 18.50
N GLY A 181 12.89 9.03 17.18
CA GLY A 181 12.89 10.17 16.28
C GLY A 181 14.28 10.59 15.84
N ALA A 182 14.30 11.70 15.10
CA ALA A 182 15.54 12.17 14.46
C ALA A 182 16.42 13.00 15.37
N PHE A 183 15.99 13.33 16.59
CA PHE A 183 16.70 14.29 17.45
C PHE A 183 17.03 13.63 18.78
N LYS A 184 17.90 12.62 18.74
CA LYS A 184 18.15 11.77 19.90
C LYS A 184 19.11 12.42 20.89
N PHE A 185 20.08 13.19 20.42
CA PHE A 185 21.15 13.67 21.28
C PHE A 185 21.33 15.16 21.08
N LYS A 186 21.21 15.93 22.17
CA LYS A 186 21.51 17.36 22.12
C LYS A 186 22.98 17.58 21.77
N GLY A 187 23.87 16.77 22.34
CA GLY A 187 25.27 16.83 22.02
C GLY A 187 25.79 15.54 21.42
N GLU A 188 26.82 14.98 22.04
CA GLU A 188 27.43 13.79 21.46
C GLU A 188 26.65 12.54 21.86
N PRO A 189 26.51 11.57 20.96
CA PRO A 189 25.78 10.34 21.30
C PRO A 189 26.47 9.61 22.44
N LYS A 190 25.66 9.04 23.34
CA LYS A 190 26.21 8.24 24.44
C LYS A 190 25.13 7.32 24.98
N LEU A 191 25.50 6.05 25.16
CA LEU A 191 24.62 5.04 25.71
C LEU A 191 25.35 4.34 26.85
N ASP A 192 24.58 3.75 27.77
CA ASP A 192 25.17 3.13 28.96
C ASP A 192 25.40 1.65 28.68
N PHE A 193 26.55 1.35 28.06
CA PHE A 193 26.85 -0.03 27.68
C PHE A 193 27.16 -0.91 28.88
N GLU A 194 27.61 -0.33 29.99
CA GLU A 194 27.83 -1.13 31.19
C GLU A 194 26.51 -1.63 31.76
N ARG A 195 25.50 -0.75 31.80
CA ARG A 195 24.16 -1.16 32.23
C ARG A 195 23.63 -2.26 31.31
N LEU A 196 23.76 -2.06 29.99
CA LEU A 196 23.33 -3.08 29.04
C LEU A 196 23.95 -4.44 29.38
N GLN A 197 25.27 -4.48 29.55
CA GLN A 197 25.93 -5.76 29.78
C GLN A 197 25.47 -6.41 31.07
N GLU A 198 25.20 -5.60 32.10
CA GLU A 198 24.71 -6.16 33.35
C GLU A 198 23.30 -6.71 33.20
N VAL A 199 22.44 -5.99 32.49
CA VAL A 199 21.11 -6.53 32.20
C VAL A 199 21.22 -7.86 31.47
N LYS A 200 22.09 -7.91 30.45
CA LYS A 200 22.22 -9.14 29.67
C LYS A 200 22.72 -10.29 30.54
N ARG A 201 23.68 -10.02 31.40
CA ARG A 201 24.23 -11.08 32.25
C ARG A 201 23.18 -11.63 33.20
N LEU A 202 22.35 -10.77 33.78
CA LEU A 202 21.40 -11.22 34.79
C LEU A 202 20.14 -11.83 34.20
N THR A 203 19.71 -11.39 33.01
CA THR A 203 18.47 -11.87 32.42
C THR A 203 18.65 -13.04 31.48
N ASN A 204 19.75 -13.05 30.71
CA ASN A 204 20.03 -14.11 29.74
C ASN A 204 18.85 -14.38 28.81
N ILE A 205 18.24 -13.30 28.31
CA ILE A 205 17.21 -13.37 27.28
C ILE A 205 17.55 -12.40 26.16
N PRO A 206 16.84 -12.46 25.03
CA PRO A 206 17.04 -11.47 23.98
C PRO A 206 16.66 -10.08 24.47
N LEU A 207 17.45 -9.08 24.09
CA LEU A 207 17.19 -7.71 24.48
C LEU A 207 16.90 -6.85 23.26
N VAL A 208 16.20 -5.75 23.50
CA VAL A 208 15.67 -4.90 22.45
C VAL A 208 16.22 -3.47 22.62
N LEU A 209 16.65 -2.87 21.51
CA LEU A 209 17.06 -1.47 21.48
C LEU A 209 15.99 -0.67 20.74
N HIS A 210 15.37 0.27 21.44
CA HIS A 210 14.45 1.22 20.84
C HIS A 210 15.21 2.45 20.35
N GLY A 211 14.58 3.19 19.43
CA GLY A 211 15.16 4.43 18.96
C GLY A 211 16.54 4.25 18.36
N ALA A 212 16.68 3.24 17.51
CA ALA A 212 17.98 2.80 17.03
C ALA A 212 18.32 3.29 15.62
N SER A 213 17.57 4.25 15.07
CA SER A 213 17.96 4.79 13.78
C SER A 213 19.29 5.52 13.90
N ALA A 214 20.06 5.48 12.81
CA ALA A 214 21.40 6.07 12.76
C ALA A 214 21.43 7.43 12.08
N ILE A 215 20.44 7.73 11.25
CA ILE A 215 20.46 8.86 10.32
C ILE A 215 21.80 8.91 9.59
N PRO A 216 22.08 7.94 8.74
CA PRO A 216 23.37 7.91 8.03
C PRO A 216 23.58 9.16 7.18
N ASP A 217 24.85 9.48 6.94
CA ASP A 217 25.19 10.71 6.22
C ASP A 217 24.57 10.74 4.83
N ASN A 218 24.60 9.62 4.11
CA ASN A 218 24.04 9.60 2.75
C ASN A 218 22.54 9.85 2.77
N VAL A 219 21.84 9.29 3.75
CA VAL A 219 20.41 9.52 3.90
C VAL A 219 20.12 10.98 4.22
N ARG A 220 20.84 11.54 5.20
N ARG A 220 20.84 11.55 5.20
CA ARG A 220 20.65 12.94 5.55
CA ARG A 220 20.62 12.95 5.54
C ARG A 220 20.85 13.83 4.33
C ARG A 220 20.86 13.85 4.33
N LYS A 221 21.93 13.61 3.59
CA LYS A 221 22.22 14.42 2.43
C LYS A 221 21.09 14.33 1.41
N SER A 222 20.65 13.11 1.10
N SER A 222 20.64 13.11 1.11
CA SER A 222 19.57 12.95 0.13
CA SER A 222 19.57 12.90 0.15
C SER A 222 18.35 13.80 0.50
C SER A 222 18.35 13.76 0.50
N TYR A 223 17.99 13.81 1.79
CA TYR A 223 16.85 14.53 2.36
C TYR A 223 17.04 16.04 2.24
N LEU A 224 18.20 16.54 2.66
CA LEU A 224 18.41 17.99 2.62
C LEU A 224 18.49 18.49 1.19
N ASP A 225 19.16 17.73 0.31
CA ASP A 225 19.26 18.12 -1.10
C ASP A 225 17.88 18.29 -1.73
N ALA A 226 16.93 17.44 -1.33
CA ALA A 226 15.57 17.51 -1.86
C ALA A 226 14.75 18.61 -1.22
N GLY A 227 15.39 19.52 -0.47
CA GLY A 227 14.69 20.63 0.14
C GLY A 227 14.17 20.37 1.53
N GLY A 228 14.44 19.19 2.10
CA GLY A 228 14.00 18.89 3.44
C GLY A 228 14.92 19.48 4.47
N ASP A 229 14.41 19.60 5.69
CA ASP A 229 15.20 20.11 6.80
C ASP A 229 15.18 19.09 7.94
N LEU A 230 16.37 18.82 8.48
CA LEU A 230 16.55 17.93 9.61
C LEU A 230 17.31 18.65 10.72
N LYS A 231 16.86 19.85 11.08
CA LYS A 231 17.60 20.74 11.99
C LYS A 231 18.13 20.03 13.23
N GLY A 232 19.45 19.81 13.27
CA GLY A 232 20.07 19.27 14.46
C GLY A 232 19.82 17.81 14.70
N SER A 233 19.40 17.07 13.67
CA SER A 233 19.14 15.65 13.82
C SER A 233 20.43 14.92 14.16
N LYS A 234 20.29 13.87 14.97
CA LYS A 234 21.43 13.01 15.29
C LYS A 234 20.89 11.66 15.73
N GLY A 235 21.38 10.60 15.09
CA GLY A 235 20.99 9.24 15.42
C GLY A 235 22.08 8.50 16.18
N VAL A 236 21.86 7.19 16.34
CA VAL A 236 22.82 6.31 16.99
C VAL A 236 23.92 5.95 15.99
N PRO A 237 25.18 6.28 16.26
CA PRO A 237 26.24 5.93 15.31
C PRO A 237 26.30 4.44 15.03
N PHE A 238 26.73 4.10 13.82
CA PHE A 238 26.90 2.70 13.43
C PHE A 238 27.74 1.95 14.46
N GLU A 239 28.80 2.59 14.98
CA GLU A 239 29.67 1.91 15.93
C GLU A 239 28.95 1.63 17.23
N PHE A 240 28.01 2.49 17.63
CA PHE A 240 27.22 2.24 18.83
C PHE A 240 26.24 1.09 18.61
N LEU A 241 25.68 0.98 17.40
CA LEU A 241 24.81 -0.14 17.11
C LEU A 241 25.58 -1.45 17.18
N GLN A 242 26.79 -1.48 16.62
CA GLN A 242 27.61 -2.68 16.70
C GLN A 242 27.96 -2.99 18.15
N GLU A 243 28.30 -1.97 18.93
CA GLU A 243 28.61 -2.18 20.34
C GLU A 243 27.40 -2.70 21.11
N SER A 244 26.20 -2.23 20.75
N SER A 244 26.21 -2.20 20.76
CA SER A 244 25.01 -2.70 21.45
CA SER A 244 24.98 -2.68 21.40
C SER A 244 24.73 -4.17 21.15
C SER A 244 24.79 -4.17 21.15
N VAL A 245 24.99 -4.60 19.92
CA VAL A 245 24.86 -6.03 19.60
C VAL A 245 25.91 -6.84 20.35
N LYS A 246 27.15 -6.35 20.40
CA LYS A 246 28.17 -7.04 21.20
C LYS A 246 27.75 -7.15 22.67
N GLY A 247 27.02 -6.16 23.19
CA GLY A 247 26.52 -6.17 24.54
C GLY A 247 25.28 -6.99 24.79
N GLY A 248 24.63 -7.49 23.73
CA GLY A 248 23.51 -8.39 23.90
C GLY A 248 22.18 -7.93 23.33
N ILE A 249 22.16 -6.81 22.61
CA ILE A 249 20.95 -6.41 21.88
C ILE A 249 20.73 -7.36 20.71
N ASN A 250 19.50 -7.87 20.58
CA ASN A 250 19.15 -8.79 19.51
C ASN A 250 18.00 -8.33 18.63
N LYS A 251 17.26 -7.30 19.03
CA LYS A 251 16.19 -6.71 18.23
C LYS A 251 16.43 -5.21 18.19
N VAL A 252 16.48 -4.63 17.00
CA VAL A 252 16.96 -3.26 16.80
C VAL A 252 15.89 -2.48 16.06
N ASN A 253 15.11 -1.68 16.80
CA ASN A 253 13.93 -1.02 16.25
C ASN A 253 14.34 0.14 15.36
N THR A 254 13.90 0.11 14.10
CA THR A 254 14.37 1.05 13.08
C THR A 254 13.18 1.53 12.26
N ASP A 255 12.93 2.85 12.27
CA ASP A 255 11.79 3.45 11.58
C ASP A 255 12.18 4.76 10.92
N THR A 256 12.74 5.68 11.70
CA THR A 256 13.08 7.01 11.19
C THR A 256 13.97 6.95 9.95
N ASP A 257 15.02 6.12 9.98
CA ASP A 257 15.91 6.02 8.83
C ASP A 257 15.13 5.65 7.58
N LEU A 258 14.16 4.75 7.72
CA LEU A 258 13.34 4.33 6.58
C LEU A 258 12.49 5.47 6.05
N ARG A 259 11.87 6.24 6.96
CA ARG A 259 11.02 7.35 6.54
C ARG A 259 11.81 8.41 5.81
N ILE A 260 12.98 8.77 6.34
CA ILE A 260 13.76 9.84 5.74
C ILE A 260 14.23 9.44 4.35
N ALA A 261 14.76 8.22 4.23
CA ALA A 261 15.23 7.76 2.91
C ALA A 261 14.10 7.72 1.89
N PHE A 262 12.93 7.24 2.30
CA PHE A 262 11.77 7.15 1.42
C PHE A 262 11.30 8.54 0.98
N ILE A 263 11.07 9.43 1.95
CA ILE A 263 10.50 10.74 1.64
C ILE A 263 11.50 11.62 0.89
N ALA A 264 12.81 11.44 1.14
CA ALA A 264 13.80 12.17 0.34
C ALA A 264 13.55 11.94 -1.14
N GLU A 265 13.28 10.70 -1.53
CA GLU A 265 13.10 10.40 -2.95
C GLU A 265 11.76 10.95 -3.46
N VAL A 266 10.72 10.91 -2.63
CA VAL A 266 9.45 11.52 -3.01
C VAL A 266 9.64 13.02 -3.26
N ARG A 267 10.32 13.70 -2.33
CA ARG A 267 10.57 15.13 -2.48
C ARG A 267 11.36 15.41 -3.75
N LYS A 268 12.37 14.57 -4.03
CA LYS A 268 13.19 14.78 -5.21
C LYS A 268 12.37 14.70 -6.49
N VAL A 269 11.50 13.70 -6.61
CA VAL A 269 10.67 13.60 -7.83
C VAL A 269 9.76 14.80 -7.96
N ALA A 270 9.15 15.22 -6.84
CA ALA A 270 8.27 16.38 -6.89
C ALA A 270 9.01 17.63 -7.34
N ASN A 271 10.26 17.77 -6.91
CA ASN A 271 11.06 18.95 -7.25
C ASN A 271 11.44 18.96 -8.72
N GLU A 272 11.80 17.81 -9.26
CA GLU A 272 12.48 17.76 -10.56
C GLU A 272 11.52 17.60 -11.73
N ASP A 273 10.26 17.23 -11.51
CA ASP A 273 9.29 17.17 -12.60
C ASP A 273 7.94 17.61 -12.05
N LYS A 274 7.59 18.87 -12.29
CA LYS A 274 6.33 19.40 -11.81
C LYS A 274 5.13 18.78 -12.52
N SER A 275 5.35 18.12 -13.66
CA SER A 275 4.26 17.48 -14.39
C SER A 275 4.03 16.03 -13.97
N GLN A 276 4.82 15.51 -13.03
CA GLN A 276 4.77 14.08 -12.71
C GLN A 276 3.69 13.81 -11.67
N PHE A 277 2.74 12.95 -12.02
CA PHE A 277 1.73 12.53 -11.05
C PHE A 277 1.46 11.02 -11.06
N ASP A 278 2.31 10.21 -11.68
CA ASP A 278 2.21 8.76 -11.57
C ASP A 278 2.81 8.36 -10.23
N LEU A 279 1.96 7.82 -9.32
CA LEU A 279 2.44 7.46 -7.99
C LEU A 279 3.66 6.55 -8.05
N ARG A 280 3.71 5.65 -9.03
CA ARG A 280 4.81 4.70 -9.10
C ARG A 280 6.14 5.38 -9.39
N LYS A 281 6.11 6.51 -10.11
CA LYS A 281 7.34 7.24 -10.40
C LYS A 281 7.90 7.92 -9.15
N PHE A 282 7.05 8.24 -8.18
CA PHE A 282 7.51 8.72 -6.89
C PHE A 282 7.98 7.59 -6.01
N PHE A 283 7.24 6.48 -5.99
CA PHE A 283 7.43 5.48 -4.95
C PHE A 283 8.39 4.37 -5.33
N SER A 284 8.68 4.15 -6.61
CA SER A 284 9.71 3.17 -6.96
C SER A 284 11.09 3.63 -6.48
N PRO A 285 11.53 4.86 -6.74
CA PRO A 285 12.83 5.28 -6.17
C PRO A 285 12.80 5.36 -4.65
N ALA A 286 11.65 5.70 -4.08
CA ALA A 286 11.54 5.74 -2.62
C ALA A 286 11.74 4.35 -2.01
N GLN A 287 11.09 3.34 -2.60
CA GLN A 287 11.31 1.96 -2.17
C GLN A 287 12.78 1.58 -2.24
N LEU A 288 13.43 1.89 -3.37
CA LEU A 288 14.83 1.52 -3.54
C LEU A 288 15.69 2.10 -2.41
N ALA A 289 15.49 3.39 -2.11
CA ALA A 289 16.28 4.02 -1.06
C ALA A 289 16.01 3.35 0.28
N LEU A 290 14.74 3.07 0.58
CA LEU A 290 14.42 2.40 1.83
C LEU A 290 15.06 1.01 1.86
N LYS A 291 14.93 0.27 0.76
CA LYS A 291 15.49 -1.08 0.70
C LYS A 291 16.98 -1.06 1.01
N ASN A 292 17.70 -0.09 0.43
CA ASN A 292 19.14 -0.03 0.62
C ASN A 292 19.50 0.25 2.07
N VAL A 293 18.75 1.12 2.74
CA VAL A 293 18.99 1.36 4.18
C VAL A 293 18.86 0.06 4.95
N VAL A 294 17.82 -0.72 4.65
CA VAL A 294 17.58 -1.96 5.37
C VAL A 294 18.69 -2.98 5.09
N LYS A 295 19.06 -3.16 3.81
CA LYS A 295 20.13 -4.10 3.47
C LYS A 295 21.41 -3.79 4.24
N GLU A 296 21.81 -2.51 4.23
CA GLU A 296 23.02 -2.13 4.95
C GLU A 296 22.88 -2.38 6.44
N ARG A 297 21.69 -2.10 7.00
CA ARG A 297 21.50 -2.31 8.42
C ARG A 297 21.57 -3.79 8.79
N MET A 298 21.01 -4.66 7.95
CA MET A 298 21.07 -6.09 8.21
C MET A 298 22.52 -6.57 8.22
N LYS A 299 23.34 -6.08 7.29
CA LYS A 299 24.75 -6.42 7.30
C LYS A 299 25.43 -5.91 8.57
N LEU A 300 25.14 -4.67 8.96
CA LEU A 300 25.78 -4.07 10.13
C LEU A 300 25.46 -4.84 11.40
N LEU A 301 24.21 -5.26 11.55
CA LEU A 301 23.75 -5.91 12.78
C LEU A 301 24.09 -7.39 12.82
N GLY A 302 24.45 -7.99 11.69
CA GLY A 302 24.86 -9.38 11.66
C GLY A 302 23.80 -10.39 11.31
N SER A 303 22.65 -9.98 10.76
CA SER A 303 21.62 -10.93 10.41
C SER A 303 21.70 -11.36 8.95
N ALA A 304 22.58 -10.74 8.16
CA ALA A 304 22.78 -11.17 6.78
C ALA A 304 23.32 -12.58 6.75
N ASN A 305 22.84 -13.37 5.79
CA ASN A 305 23.30 -14.75 5.58
C ASN A 305 23.01 -15.66 6.75
N LYS A 306 21.97 -15.35 7.53
CA LYS A 306 21.58 -16.14 8.69
C LYS A 306 20.35 -17.01 8.45
N ILE A 307 19.77 -16.99 7.26
CA ILE A 307 18.66 -17.89 6.96
C ILE A 307 19.19 -19.30 6.73
N MET B 1 -19.80 -7.81 -1.88
CA MET B 1 -18.73 -8.86 -1.96
C MET B 1 -18.12 -8.83 -3.35
N LEU B 2 -17.10 -9.66 -3.56
CA LEU B 2 -16.39 -9.73 -4.84
C LEU B 2 -17.18 -10.61 -5.82
N VAL B 3 -17.51 -10.05 -7.00
CA VAL B 3 -18.44 -10.68 -7.93
C VAL B 3 -17.95 -10.52 -9.36
N LYS B 4 -18.49 -11.36 -10.24
CA LYS B 4 -18.26 -11.24 -11.68
C LYS B 4 -18.58 -9.84 -12.15
N GLY B 5 -17.75 -9.31 -13.05
CA GLY B 5 -17.97 -7.95 -13.52
C GLY B 5 -19.34 -7.76 -14.15
N ASN B 6 -19.81 -8.78 -14.88
CA ASN B 6 -21.08 -8.69 -15.57
C ASN B 6 -22.25 -8.54 -14.60
N GLU B 7 -22.10 -9.05 -13.37
CA GLU B 7 -23.17 -8.89 -12.40
C GLU B 7 -23.44 -7.41 -12.12
N ILE B 8 -22.38 -6.63 -11.95
CA ILE B 8 -22.52 -5.19 -11.70
C ILE B 8 -22.99 -4.48 -12.97
N LEU B 9 -22.38 -4.81 -14.10
CA LEU B 9 -22.65 -4.03 -15.31
C LEU B 9 -23.97 -4.38 -15.97
N LEU B 10 -24.49 -5.60 -15.78
CA LEU B 10 -25.81 -5.89 -16.33
C LEU B 10 -26.86 -5.04 -15.64
N LYS B 11 -26.69 -4.79 -14.34
CA LYS B 11 -27.61 -3.90 -13.62
C LYS B 11 -27.49 -2.47 -14.12
N ALA B 12 -26.26 -1.98 -14.26
CA ALA B 12 -26.06 -0.63 -14.77
C ALA B 12 -26.64 -0.49 -16.17
N HIS B 13 -26.45 -1.51 -17.00
CA HIS B 13 -27.00 -1.52 -18.35
C HIS B 13 -28.53 -1.44 -18.34
N LYS B 14 -29.18 -2.29 -17.55
CA LYS B 14 -30.64 -2.32 -17.54
C LYS B 14 -31.23 -1.04 -16.97
N GLU B 15 -30.57 -0.44 -15.97
CA GLU B 15 -31.10 0.72 -15.27
C GLU B 15 -30.53 2.04 -15.79
N GLY B 16 -29.60 1.99 -16.74
CA GLY B 16 -29.15 3.20 -17.38
C GLY B 16 -28.27 4.09 -16.54
N TYR B 17 -27.34 3.52 -15.79
CA TYR B 17 -26.36 4.32 -15.08
C TYR B 17 -24.96 3.82 -15.37
N GLY B 18 -23.99 4.64 -14.97
CA GLY B 18 -22.58 4.31 -15.15
C GLY B 18 -21.90 3.99 -13.83
N VAL B 19 -21.01 3.01 -13.89
CA VAL B 19 -20.21 2.59 -12.74
C VAL B 19 -18.77 2.96 -13.04
N GLY B 20 -18.21 3.85 -12.21
CA GLY B 20 -16.81 4.17 -12.34
C GLY B 20 -15.95 2.94 -12.13
N ALA B 21 -14.91 2.83 -12.95
CA ALA B 21 -13.92 1.77 -12.84
C ALA B 21 -12.62 2.45 -12.50
N PHE B 22 -12.19 2.31 -11.25
CA PHE B 22 -11.14 3.14 -10.71
C PHE B 22 -9.85 2.34 -10.59
N ASN B 23 -8.78 2.86 -11.20
CA ASN B 23 -7.49 2.20 -11.14
C ASN B 23 -6.84 2.40 -9.78
N PHE B 24 -6.04 1.42 -9.37
CA PHE B 24 -5.21 1.56 -8.19
C PHE B 24 -3.83 0.96 -8.44
N VAL B 25 -2.85 1.47 -7.69
CA VAL B 25 -1.49 0.93 -7.71
C VAL B 25 -0.97 0.57 -6.32
N ASN B 26 -1.70 0.92 -5.27
CA ASN B 26 -1.22 0.62 -3.92
C ASN B 26 -2.37 0.68 -2.92
N PHE B 27 -2.03 0.56 -1.63
CA PHE B 27 -3.04 0.52 -0.58
C PHE B 27 -3.81 1.82 -0.49
N GLU B 28 -3.10 2.96 -0.51
CA GLU B 28 -3.76 4.24 -0.30
C GLU B 28 -4.82 4.51 -1.35
N MET B 29 -4.51 4.24 -2.62
CA MET B 29 -5.53 4.43 -3.66
C MET B 29 -6.71 3.52 -3.41
N LEU B 30 -6.45 2.26 -3.11
CA LEU B 30 -7.52 1.28 -2.91
C LEU B 30 -8.40 1.66 -1.73
N ASN B 31 -7.79 2.08 -0.63
CA ASN B 31 -8.58 2.42 0.55
C ASN B 31 -9.51 3.59 0.26
N ALA B 32 -8.99 4.62 -0.41
CA ALA B 32 -9.81 5.79 -0.72
C ALA B 32 -10.98 5.44 -1.64
N ILE B 33 -10.74 4.55 -2.60
CA ILE B 33 -11.81 4.15 -3.51
C ILE B 33 -12.93 3.43 -2.75
N PHE B 34 -12.54 2.49 -1.88
CA PHE B 34 -13.54 1.75 -1.11
C PHE B 34 -14.30 2.66 -0.15
N GLU B 35 -13.60 3.58 0.53
CA GLU B 35 -14.31 4.48 1.43
C GLU B 35 -15.29 5.34 0.66
N ALA B 36 -14.93 5.73 -0.57
CA ALA B 36 -15.88 6.48 -1.40
C ALA B 36 -17.11 5.64 -1.68
N GLY B 37 -16.93 4.39 -2.07
CA GLY B 37 -18.07 3.54 -2.38
C GLY B 37 -18.95 3.30 -1.16
N ASN B 38 -18.31 3.14 0.00
CA ASN B 38 -19.06 2.98 1.23
C ASN B 38 -19.88 4.23 1.53
N GLU B 39 -19.28 5.40 1.37
CA GLU B 39 -19.94 6.65 1.74
C GLU B 39 -21.03 7.05 0.76
N GLU B 40 -20.93 6.63 -0.50
CA GLU B 40 -21.93 6.95 -1.50
C GLU B 40 -22.86 5.78 -1.79
N ASN B 41 -22.72 4.66 -1.08
CA ASN B 41 -23.54 3.47 -1.29
C ASN B 41 -23.54 3.07 -2.77
N SER B 42 -22.34 2.92 -3.33
CA SER B 42 -22.16 2.67 -4.75
C SER B 42 -21.41 1.37 -4.99
N PRO B 43 -21.81 0.57 -5.98
CA PRO B 43 -20.94 -0.53 -6.45
C PRO B 43 -19.63 0.02 -6.98
N LEU B 44 -18.62 -0.85 -7.04
CA LEU B 44 -17.25 -0.50 -7.38
C LEU B 44 -16.75 -1.44 -8.47
N PHE B 45 -16.15 -0.90 -9.52
CA PHE B 45 -15.18 -1.64 -10.33
C PHE B 45 -13.81 -1.16 -9.89
N ILE B 46 -12.99 -2.09 -9.42
CA ILE B 46 -11.61 -1.81 -9.05
C ILE B 46 -10.75 -2.42 -10.14
N GLN B 47 -9.88 -1.64 -10.75
CA GLN B 47 -9.10 -2.17 -11.85
C GLN B 47 -7.61 -1.92 -11.68
N ALA B 48 -6.84 -2.85 -12.22
CA ALA B 48 -5.39 -2.80 -12.19
C ALA B 48 -4.88 -3.03 -13.61
N SER B 49 -4.03 -2.13 -14.07
CA SER B 49 -3.34 -2.31 -15.34
C SER B 49 -2.21 -3.32 -15.20
N GLU B 50 -1.65 -3.74 -16.34
CA GLU B 50 -0.52 -4.64 -16.29
C GLU B 50 0.66 -4.01 -15.56
N GLY B 51 0.86 -2.69 -15.73
CA GLY B 51 1.93 -2.03 -15.01
C GLY B 51 1.69 -1.97 -13.52
N ALA B 52 0.43 -1.75 -13.12
CA ALA B 52 0.09 -1.77 -11.71
C ALA B 52 0.32 -3.15 -11.12
N ILE B 53 0.00 -4.20 -11.89
CA ILE B 53 0.20 -5.56 -11.41
C ILE B 53 1.69 -5.87 -11.26
N LYS B 54 2.51 -5.41 -12.21
CA LYS B 54 3.95 -5.58 -12.08
C LYS B 54 4.46 -4.88 -10.81
N TYR B 55 3.95 -3.68 -10.53
CA TYR B 55 4.40 -2.89 -9.39
C TYR B 55 4.03 -3.56 -8.07
N MET B 56 2.78 -4.00 -7.93
CA MET B 56 2.30 -4.59 -6.69
C MET B 56 2.66 -6.07 -6.56
N GLY B 57 2.77 -6.77 -7.70
CA GLY B 57 2.65 -8.20 -7.73
C GLY B 57 1.19 -8.63 -7.76
N ILE B 58 0.84 -9.57 -8.63
CA ILE B 58 -0.57 -9.92 -8.80
C ILE B 58 -1.16 -10.50 -7.50
N ASP B 59 -0.32 -11.17 -6.71
CA ASP B 59 -0.77 -11.73 -5.42
C ASP B 59 -1.19 -10.62 -4.46
N MET B 60 -0.47 -9.50 -4.47
CA MET B 60 -0.82 -8.40 -3.58
C MET B 60 -2.01 -7.62 -4.11
N ALA B 61 -2.09 -7.45 -5.44
CA ALA B 61 -3.24 -6.77 -6.04
C ALA B 61 -4.53 -7.46 -5.64
N VAL B 62 -4.60 -8.78 -5.87
CA VAL B 62 -5.80 -9.53 -5.52
C VAL B 62 -5.97 -9.57 -4.02
N GLY B 63 -4.89 -9.82 -3.28
CA GLY B 63 -5.01 -10.01 -1.84
C GLY B 63 -5.51 -8.77 -1.12
N MET B 64 -5.00 -7.59 -1.50
CA MET B 64 -5.48 -6.36 -0.88
C MET B 64 -6.95 -6.14 -1.18
N VAL B 65 -7.38 -6.40 -2.41
CA VAL B 65 -8.78 -6.21 -2.76
C VAL B 65 -9.66 -7.16 -1.96
N LYS B 66 -9.22 -8.41 -1.80
CA LYS B 66 -10.02 -9.36 -1.01
C LYS B 66 -10.16 -8.90 0.43
N ILE B 67 -9.10 -8.32 1.00
CA ILE B 67 -9.19 -7.80 2.36
C ILE B 67 -10.21 -6.67 2.41
N MET B 68 -10.18 -5.77 1.41
CA MET B 68 -11.09 -4.63 1.43
C MET B 68 -12.54 -5.07 1.23
N CYS B 69 -12.76 -6.08 0.37
N CYS B 69 -12.77 -6.08 0.39
CA CYS B 69 -14.10 -6.61 0.20
CA CYS B 69 -14.16 -6.52 0.20
C CYS B 69 -14.64 -7.19 1.50
C CYS B 69 -14.69 -7.22 1.45
N GLU B 70 -13.80 -7.89 2.26
N GLU B 70 -13.82 -7.85 2.24
CA GLU B 70 -14.22 -8.42 3.56
CA GLU B 70 -14.23 -8.41 3.52
C GLU B 70 -14.48 -7.31 4.56
C GLU B 70 -14.48 -7.31 4.55
N ARG B 71 -13.79 -6.17 4.41
CA ARG B 71 -14.02 -5.03 5.29
C ARG B 71 -15.34 -4.36 4.99
N TYR B 72 -15.79 -4.40 3.74
CA TYR B 72 -17.03 -3.77 3.29
C TYR B 72 -17.85 -4.80 2.52
N PRO B 73 -18.37 -5.82 3.20
CA PRO B 73 -18.99 -6.94 2.48
C PRO B 73 -20.29 -6.59 1.76
N HIS B 74 -20.92 -5.47 2.10
CA HIS B 74 -22.17 -5.07 1.46
C HIS B 74 -21.97 -4.37 0.12
N ILE B 75 -20.74 -4.04 -0.28
CA ILE B 75 -20.49 -3.31 -1.53
C ILE B 75 -20.22 -4.34 -2.63
N PRO B 76 -20.99 -4.34 -3.71
CA PRO B 76 -20.61 -5.17 -4.87
C PRO B 76 -19.32 -4.65 -5.49
N VAL B 77 -18.33 -5.54 -5.65
CA VAL B 77 -17.03 -5.17 -6.18
C VAL B 77 -16.62 -6.18 -7.25
N ALA B 78 -16.20 -5.68 -8.40
CA ALA B 78 -15.52 -6.49 -9.39
C ALA B 78 -14.06 -6.07 -9.44
N LEU B 79 -13.17 -7.05 -9.58
CA LEU B 79 -11.74 -6.82 -9.71
C LEU B 79 -11.35 -7.12 -11.15
N HIS B 80 -10.84 -6.11 -11.86
CA HIS B 80 -10.79 -6.11 -13.32
C HIS B 80 -9.36 -5.85 -13.79
N LEU B 81 -8.89 -6.70 -14.72
CA LEU B 81 -7.62 -6.47 -15.40
C LEU B 81 -7.86 -5.44 -16.50
N ASP B 82 -7.25 -4.28 -16.36
CA ASP B 82 -7.39 -3.21 -17.31
C ASP B 82 -6.32 -3.33 -18.38
N HIS B 83 -6.74 -3.34 -19.65
N HIS B 83 -6.73 -3.32 -19.64
N HIS B 83 -6.73 -3.32 -19.64
CA HIS B 83 -5.83 -3.34 -20.79
CA HIS B 83 -5.82 -3.33 -20.78
CA HIS B 83 -5.80 -3.33 -20.77
C HIS B 83 -4.83 -4.49 -20.73
C HIS B 83 -4.82 -4.49 -20.72
C HIS B 83 -4.82 -4.50 -20.71
N GLY B 84 -5.36 -5.69 -20.55
CA GLY B 84 -4.57 -6.88 -20.82
C GLY B 84 -4.13 -6.88 -22.28
N THR B 85 -2.87 -7.22 -22.52
CA THR B 85 -2.30 -7.16 -23.86
C THR B 85 -2.13 -8.52 -24.52
N THR B 86 -2.22 -9.62 -23.77
CA THR B 86 -2.04 -10.95 -24.30
C THR B 86 -3.02 -11.91 -23.62
N PHE B 87 -3.29 -13.01 -24.34
CA PHE B 87 -4.08 -14.09 -23.76
C PHE B 87 -3.48 -14.54 -22.44
N GLU B 88 -2.16 -14.69 -22.39
CA GLU B 88 -1.50 -15.22 -21.21
C GLU B 88 -1.67 -14.29 -20.01
N SER B 89 -1.63 -12.98 -20.24
CA SER B 89 -1.86 -12.02 -19.17
C SER B 89 -3.27 -12.17 -18.60
N CYS B 90 -4.27 -12.26 -19.49
CA CYS B 90 -5.64 -12.46 -19.05
C CYS B 90 -5.80 -13.77 -18.27
N GLU B 91 -5.17 -14.84 -18.76
CA GLU B 91 -5.22 -16.13 -18.07
C GLU B 91 -4.59 -16.06 -16.68
N LYS B 92 -3.44 -15.40 -16.54
CA LYS B 92 -2.82 -15.22 -15.23
C LYS B 92 -3.75 -14.46 -14.29
N ALA B 93 -4.46 -13.45 -14.80
CA ALA B 93 -5.38 -12.71 -13.96
C ALA B 93 -6.55 -13.59 -13.53
N VAL B 94 -7.10 -14.38 -14.46
CA VAL B 94 -8.16 -15.31 -14.09
C VAL B 94 -7.67 -16.25 -12.99
N LYS B 95 -6.49 -16.83 -13.15
CA LYS B 95 -6.01 -17.79 -12.18
C LYS B 95 -5.74 -17.14 -10.83
N ALA B 96 -5.32 -15.88 -10.81
CA ALA B 96 -5.04 -15.19 -9.55
C ALA B 96 -6.29 -14.74 -8.80
N GLY B 97 -7.44 -14.69 -9.46
CA GLY B 97 -8.68 -14.36 -8.80
C GLY B 97 -9.39 -13.11 -9.28
N PHE B 98 -8.93 -12.51 -10.37
CA PHE B 98 -9.71 -11.42 -10.97
C PHE B 98 -11.06 -11.94 -11.43
N THR B 99 -12.08 -11.08 -11.34
CA THR B 99 -13.45 -11.43 -11.72
C THR B 99 -13.89 -10.79 -13.02
N SER B 100 -12.99 -10.03 -13.66
CA SER B 100 -13.23 -9.42 -14.96
C SER B 100 -11.86 -9.20 -15.59
N VAL B 101 -11.75 -9.42 -16.90
CA VAL B 101 -10.50 -9.17 -17.61
C VAL B 101 -10.79 -8.45 -18.92
N MET B 102 -9.90 -7.55 -19.30
CA MET B 102 -9.99 -6.86 -20.58
C MET B 102 -8.84 -7.30 -21.47
N ILE B 103 -9.16 -7.63 -22.72
CA ILE B 103 -8.17 -7.84 -23.76
C ILE B 103 -8.30 -6.70 -24.75
N ASP B 104 -7.22 -5.92 -24.92
CA ASP B 104 -7.17 -4.85 -25.91
C ASP B 104 -6.43 -5.36 -27.14
N ALA B 105 -7.21 -5.76 -28.14
CA ALA B 105 -6.68 -6.12 -29.45
C ALA B 105 -7.18 -5.17 -30.53
N SER B 106 -7.55 -3.95 -30.15
CA SER B 106 -8.14 -3.01 -31.10
C SER B 106 -7.14 -2.50 -32.14
N HIS B 107 -5.85 -2.72 -31.95
CA HIS B 107 -4.87 -2.35 -32.96
C HIS B 107 -4.78 -3.38 -34.08
N HIS B 108 -5.41 -4.54 -33.93
CA HIS B 108 -5.48 -5.51 -34.99
C HIS B 108 -6.68 -5.23 -35.87
N ALA B 109 -6.64 -5.77 -37.09
CA ALA B 109 -7.80 -5.76 -37.95
C ALA B 109 -8.94 -6.55 -37.31
N PHE B 110 -10.16 -6.30 -37.80
CA PHE B 110 -11.36 -6.87 -37.22
C PHE B 110 -11.20 -8.37 -36.95
N GLU B 111 -10.79 -9.13 -37.96
CA GLU B 111 -10.81 -10.59 -37.83
C GLU B 111 -9.88 -11.07 -36.73
N GLU B 112 -8.70 -10.46 -36.61
CA GLU B 112 -7.74 -10.89 -35.61
C GLU B 112 -8.15 -10.43 -34.21
N ASN B 113 -8.70 -9.22 -34.11
CA ASN B 113 -9.28 -8.76 -32.85
C ASN B 113 -10.38 -9.71 -32.39
N LEU B 114 -11.28 -10.08 -33.29
CA LEU B 114 -12.35 -11.00 -32.95
C LEU B 114 -11.81 -12.36 -32.54
N GLU B 115 -10.82 -12.89 -33.27
CA GLU B 115 -10.29 -14.20 -32.93
C GLU B 115 -9.68 -14.21 -31.53
N LEU B 116 -8.85 -13.21 -31.23
CA LEU B 116 -8.17 -13.20 -29.94
C LEU B 116 -9.14 -12.94 -28.81
N THR B 117 -10.07 -12.00 -29.01
CA THR B 117 -11.09 -11.76 -28.01
C THR B 117 -11.89 -13.03 -27.73
N SER B 118 -12.27 -13.76 -28.79
CA SER B 118 -13.05 -14.98 -28.61
C SER B 118 -12.28 -16.03 -27.79
N LYS B 119 -10.97 -16.11 -28.00
CA LYS B 119 -10.13 -17.04 -27.25
C LYS B 119 -10.09 -16.67 -25.78
N VAL B 120 -9.93 -15.37 -25.49
CA VAL B 120 -9.98 -14.90 -24.11
C VAL B 120 -11.35 -15.19 -23.49
N VAL B 121 -12.44 -14.93 -24.23
CA VAL B 121 -13.77 -15.16 -23.68
C VAL B 121 -13.97 -16.62 -23.32
N LYS B 122 -13.57 -17.53 -24.21
CA LYS B 122 -13.76 -18.95 -23.92
C LYS B 122 -13.07 -19.32 -22.62
N MET B 123 -11.81 -18.88 -22.45
CA MET B 123 -11.05 -19.20 -21.26
C MET B 123 -11.68 -18.57 -20.02
N ALA B 124 -12.06 -17.30 -20.11
CA ALA B 124 -12.58 -16.61 -18.93
C ALA B 124 -13.95 -17.12 -18.53
N HIS B 125 -14.82 -17.36 -19.52
CA HIS B 125 -16.15 -17.84 -19.19
C HIS B 125 -16.09 -19.22 -18.55
N ASN B 126 -15.16 -20.07 -18.99
N ASN B 126 -15.16 -20.07 -18.99
CA ASN B 126 -15.01 -21.37 -18.37
CA ASN B 126 -15.01 -21.38 -18.38
C ASN B 126 -14.68 -21.24 -16.89
C ASN B 126 -14.60 -21.28 -16.91
N ALA B 127 -14.02 -20.15 -16.50
CA ALA B 127 -13.64 -19.91 -15.13
C ALA B 127 -14.61 -18.98 -14.40
N GLY B 128 -15.72 -18.61 -15.02
CA GLY B 128 -16.68 -17.75 -14.35
C GLY B 128 -16.27 -16.30 -14.28
N VAL B 129 -15.47 -15.81 -15.24
CA VAL B 129 -14.94 -14.47 -15.25
C VAL B 129 -15.47 -13.74 -16.49
N SER B 130 -15.80 -12.45 -16.32
CA SER B 130 -16.36 -11.62 -17.39
C SER B 130 -15.24 -10.98 -18.21
N VAL B 131 -15.58 -10.55 -19.43
CA VAL B 131 -14.58 -10.06 -20.37
C VAL B 131 -15.02 -8.75 -21.01
N GLU B 132 -14.05 -7.84 -21.14
CA GLU B 132 -14.19 -6.59 -21.87
C GLU B 132 -13.25 -6.64 -23.07
N ALA B 133 -13.68 -6.05 -24.19
CA ALA B 133 -12.84 -5.90 -25.38
C ALA B 133 -13.00 -4.48 -25.92
N GLU B 134 -12.21 -4.15 -26.94
N GLU B 134 -12.22 -4.16 -26.96
CA GLU B 134 -12.17 -2.80 -27.48
CA GLU B 134 -12.11 -2.80 -27.49
C GLU B 134 -12.23 -2.87 -29.00
C GLU B 134 -12.21 -2.87 -29.00
N LEU B 135 -12.91 -1.91 -29.60
CA LEU B 135 -13.07 -1.87 -31.04
C LEU B 135 -13.04 -0.44 -31.51
N GLY B 136 -12.28 -0.18 -32.56
CA GLY B 136 -12.05 1.16 -33.04
C GLY B 136 -10.75 1.73 -32.49
N ARG B 137 -10.24 2.74 -33.19
CA ARG B 137 -9.00 3.41 -32.82
C ARG B 137 -9.17 4.91 -33.05
N LEU B 138 -8.54 5.70 -32.19
CA LEU B 138 -8.59 7.15 -32.31
C LEU B 138 -7.65 7.64 -33.41
N VAL B 153 -9.54 4.59 -37.48
CA VAL B 153 -10.97 4.89 -37.63
C VAL B 153 -11.76 4.53 -36.35
N LEU B 154 -12.66 5.43 -35.94
CA LEU B 154 -13.53 5.17 -34.80
C LEU B 154 -14.40 3.94 -35.05
N VAL B 155 -15.15 3.54 -34.03
CA VAL B 155 -15.85 2.26 -34.08
C VAL B 155 -16.84 2.25 -35.25
N ASN B 156 -16.89 1.11 -35.94
CA ASN B 156 -17.89 0.87 -36.98
C ASN B 156 -19.03 0.15 -36.28
N PRO B 157 -20.19 0.77 -36.09
CA PRO B 157 -21.23 0.12 -35.30
C PRO B 157 -21.63 -1.24 -35.83
N LYS B 158 -21.58 -1.45 -37.15
CA LYS B 158 -21.93 -2.75 -37.70
C LYS B 158 -20.87 -3.80 -37.41
N GLU B 159 -19.59 -3.41 -37.35
CA GLU B 159 -18.57 -4.31 -36.82
C GLU B 159 -18.86 -4.64 -35.37
N ALA B 160 -19.22 -3.64 -34.58
CA ALA B 160 -19.49 -3.89 -33.17
C ALA B 160 -20.60 -4.92 -32.99
N GLU B 161 -21.66 -4.80 -33.80
CA GLU B 161 -22.76 -5.75 -33.72
C GLU B 161 -22.27 -7.17 -33.93
N GLN B 162 -21.53 -7.40 -35.02
CA GLN B 162 -21.07 -8.74 -35.32
C GLN B 162 -20.04 -9.19 -34.28
N PHE B 163 -19.14 -8.29 -33.91
CA PHE B 163 -18.08 -8.61 -32.95
C PHE B 163 -18.66 -9.15 -31.65
N VAL B 164 -19.67 -8.45 -31.11
CA VAL B 164 -20.29 -8.88 -29.86
C VAL B 164 -21.01 -10.20 -30.03
N LYS B 165 -21.77 -10.35 -31.12
CA LYS B 165 -22.53 -11.58 -31.31
C LYS B 165 -21.60 -12.79 -31.40
N GLU B 166 -20.51 -12.67 -32.15
CA GLU B 166 -19.65 -13.83 -32.39
C GLU B 166 -18.68 -14.09 -31.24
N SER B 167 -18.19 -13.04 -30.58
CA SER B 167 -17.21 -13.24 -29.50
C SER B 167 -17.88 -13.65 -28.19
N GLN B 168 -19.13 -13.26 -27.99
CA GLN B 168 -19.83 -13.43 -26.72
C GLN B 168 -19.21 -12.58 -25.60
N VAL B 169 -18.48 -11.52 -25.96
CA VAL B 169 -17.87 -10.67 -24.95
C VAL B 169 -18.97 -10.00 -24.09
N ASP B 170 -18.66 -9.79 -22.82
CA ASP B 170 -19.67 -9.27 -21.89
C ASP B 170 -19.86 -7.77 -22.03
N TYR B 171 -18.77 -7.03 -22.25
CA TYR B 171 -18.87 -5.58 -22.43
C TYR B 171 -17.83 -5.12 -23.42
N LEU B 172 -18.16 -4.04 -24.12
CA LEU B 172 -17.36 -3.52 -25.22
C LEU B 172 -17.01 -2.06 -24.98
N ALA B 173 -15.75 -1.71 -25.24
CA ALA B 173 -15.29 -0.32 -25.25
C ALA B 173 -15.22 0.15 -26.70
N PRO B 174 -16.21 0.88 -27.18
CA PRO B 174 -16.16 1.38 -28.57
C PRO B 174 -15.45 2.71 -28.65
N ALA B 175 -14.53 2.87 -29.59
CA ALA B 175 -13.80 4.13 -29.72
C ALA B 175 -14.74 5.21 -30.26
N ILE B 176 -14.94 6.26 -29.48
CA ILE B 176 -15.81 7.37 -29.87
C ILE B 176 -15.10 8.71 -29.73
N GLY B 177 -13.81 8.69 -29.40
CA GLY B 177 -13.04 9.92 -29.40
C GLY B 177 -12.21 10.22 -28.16
N THR B 178 -12.28 9.39 -27.12
CA THR B 178 -11.44 9.66 -25.96
C THR B 178 -10.02 9.18 -26.20
N SER B 179 -9.14 9.55 -25.27
CA SER B 179 -7.79 9.02 -25.17
C SER B 179 -7.40 9.09 -23.71
N GLN B 180 -6.37 8.33 -23.35
CA GLN B 180 -5.91 8.26 -21.96
C GLN B 180 -5.07 9.47 -21.60
N GLY B 181 -5.05 9.77 -20.31
CA GLY B 181 -4.16 10.79 -19.79
C GLY B 181 -4.77 12.16 -19.73
N ALA B 182 -3.93 13.13 -19.38
CA ALA B 182 -4.38 14.48 -19.08
C ALA B 182 -4.51 15.37 -20.31
N PHE B 183 -4.13 14.90 -21.50
CA PHE B 183 -4.03 15.76 -22.69
C PHE B 183 -4.90 15.17 -23.79
N LYS B 184 -6.22 15.20 -23.58
CA LYS B 184 -7.14 14.42 -24.40
C LYS B 184 -7.51 15.10 -25.70
N PHE B 185 -7.53 16.43 -25.71
CA PHE B 185 -7.96 17.18 -26.88
C PHE B 185 -7.03 18.35 -27.11
N LYS B 186 -6.46 18.44 -28.30
CA LYS B 186 -5.69 19.63 -28.66
C LYS B 186 -6.62 20.83 -28.82
N GLY B 187 -7.83 20.60 -29.34
CA GLY B 187 -8.83 21.63 -29.46
C GLY B 187 -10.02 21.39 -28.56
N GLU B 188 -11.22 21.57 -29.10
CA GLU B 188 -12.44 21.46 -28.30
C GLU B 188 -12.75 19.98 -28.04
N PRO B 189 -13.25 19.64 -26.85
CA PRO B 189 -13.67 18.25 -26.61
C PRO B 189 -14.75 17.84 -27.60
N LYS B 190 -14.56 16.68 -28.21
CA LYS B 190 -15.54 16.14 -29.14
C LYS B 190 -15.59 14.63 -29.00
N LEU B 191 -16.81 14.10 -28.85
CA LEU B 191 -17.05 12.67 -28.84
C LEU B 191 -18.16 12.36 -29.83
N ASP B 192 -18.12 11.16 -30.41
CA ASP B 192 -19.13 10.77 -31.40
C ASP B 192 -20.29 10.05 -30.71
N PHE B 193 -21.22 10.85 -30.20
CA PHE B 193 -22.37 10.30 -29.49
C PHE B 193 -23.32 9.56 -30.41
N GLU B 194 -23.35 9.93 -31.70
CA GLU B 194 -24.19 9.18 -32.63
C GLU B 194 -23.66 7.77 -32.83
N ARG B 195 -22.34 7.61 -32.98
CA ARG B 195 -21.75 6.27 -33.06
C ARG B 195 -22.04 5.49 -31.77
N LEU B 196 -21.87 6.14 -30.62
CA LEU B 196 -22.18 5.50 -29.35
C LEU B 196 -23.60 4.93 -29.34
N GLN B 197 -24.58 5.76 -29.69
CA GLN B 197 -25.97 5.31 -29.63
C GLN B 197 -26.23 4.18 -30.60
N GLU B 198 -25.59 4.21 -31.77
CA GLU B 198 -25.79 3.14 -32.73
C GLU B 198 -25.16 1.84 -32.24
N VAL B 199 -23.96 1.93 -31.66
CA VAL B 199 -23.36 0.74 -31.05
C VAL B 199 -24.29 0.17 -29.99
N LYS B 200 -24.82 1.03 -29.12
CA LYS B 200 -25.68 0.54 -28.04
C LYS B 200 -26.92 -0.13 -28.61
N ARG B 201 -27.53 0.49 -29.63
CA ARG B 201 -28.75 -0.05 -30.22
C ARG B 201 -28.50 -1.43 -30.82
N LEU B 202 -27.36 -1.62 -31.48
CA LEU B 202 -27.11 -2.85 -32.20
C LEU B 202 -26.57 -3.96 -31.31
N THR B 203 -25.86 -3.62 -30.23
CA THR B 203 -25.25 -4.63 -29.38
C THR B 203 -26.09 -4.98 -28.16
N ASN B 204 -26.77 -4.00 -27.57
N ASN B 204 -26.77 -4.00 -27.56
CA ASN B 204 -27.60 -4.22 -26.39
CA ASN B 204 -27.60 -4.22 -26.39
C ASN B 204 -26.81 -4.94 -25.28
C ASN B 204 -26.82 -4.93 -25.27
N ILE B 205 -25.57 -4.52 -25.08
CA ILE B 205 -24.76 -4.98 -23.95
C ILE B 205 -24.21 -3.77 -23.19
N PRO B 206 -23.64 -3.97 -22.00
CA PRO B 206 -22.97 -2.86 -21.31
C PRO B 206 -21.78 -2.36 -22.12
N LEU B 207 -21.60 -1.04 -22.13
CA LEU B 207 -20.52 -0.42 -22.88
C LEU B 207 -19.56 0.29 -21.93
N VAL B 208 -18.31 0.45 -22.39
CA VAL B 208 -17.22 0.96 -21.59
C VAL B 208 -16.64 2.21 -22.24
N LEU B 209 -16.41 3.25 -21.44
CA LEU B 209 -15.70 4.45 -21.87
C LEU B 209 -14.30 4.46 -21.27
N HIS B 210 -13.29 4.46 -22.13
CA HIS B 210 -11.91 4.62 -21.72
C HIS B 210 -11.54 6.09 -21.71
N GLY B 211 -10.48 6.42 -20.97
CA GLY B 211 -9.98 7.78 -20.99
C GLY B 211 -11.00 8.80 -20.54
N ALA B 212 -11.70 8.52 -19.44
CA ALA B 212 -12.85 9.28 -19.02
C ALA B 212 -12.57 10.27 -17.89
N SER B 213 -11.31 10.53 -17.54
CA SER B 213 -11.05 11.55 -16.54
C SER B 213 -11.50 12.92 -17.05
N ALA B 214 -11.95 13.76 -16.11
CA ALA B 214 -12.48 15.08 -16.38
C ALA B 214 -11.51 16.21 -16.08
N ILE B 215 -10.50 15.96 -15.26
CA ILE B 215 -9.65 16.99 -14.64
C ILE B 215 -10.52 18.10 -14.07
N PRO B 216 -11.27 17.83 -13.00
CA PRO B 216 -12.15 18.87 -12.44
C PRO B 216 -11.38 20.12 -12.04
N ASP B 217 -12.08 21.26 -12.12
CA ASP B 217 -11.46 22.55 -11.85
C ASP B 217 -10.80 22.58 -10.47
N ASN B 218 -11.46 22.01 -9.47
CA ASN B 218 -10.90 22.07 -8.12
C ASN B 218 -9.66 21.19 -7.99
N VAL B 219 -9.63 20.07 -8.70
CA VAL B 219 -8.46 19.20 -8.70
C VAL B 219 -7.30 19.90 -9.41
N ARG B 220 -7.57 20.49 -10.57
N ARG B 220 -7.56 20.50 -10.56
CA ARG B 220 -6.55 21.24 -11.28
CA ARG B 220 -6.51 21.22 -11.27
C ARG B 220 -5.98 22.35 -10.40
C ARG B 220 -5.97 22.36 -10.40
N LYS B 221 -6.87 23.09 -9.74
CA LYS B 221 -6.44 24.19 -8.88
C LYS B 221 -5.53 23.70 -7.76
N SER B 222 -5.91 22.61 -7.09
CA SER B 222 -5.08 22.07 -6.03
C SER B 222 -3.70 21.68 -6.54
N TYR B 223 -3.65 21.04 -7.73
CA TYR B 223 -2.37 20.61 -8.28
C TYR B 223 -1.49 21.82 -8.60
N LEU B 224 -2.07 22.84 -9.25
CA LEU B 224 -1.30 24.03 -9.59
C LEU B 224 -0.89 24.82 -8.35
N ASP B 225 -1.78 24.91 -7.36
CA ASP B 225 -1.47 25.66 -6.14
C ASP B 225 -0.27 25.05 -5.41
N ALA B 226 -0.08 23.74 -5.57
CA ALA B 226 1.05 23.04 -4.97
C ALA B 226 2.29 23.03 -5.85
N GLY B 227 2.31 23.83 -6.93
CA GLY B 227 3.48 23.93 -7.77
C GLY B 227 3.51 23.00 -8.96
N GLY B 228 2.48 22.19 -9.16
CA GLY B 228 2.45 21.30 -10.28
C GLY B 228 2.16 21.99 -11.59
N ASP B 229 2.49 21.31 -12.68
CA ASP B 229 2.36 21.80 -14.04
C ASP B 229 1.41 20.88 -14.78
N LEU B 230 0.32 21.43 -15.31
CA LEU B 230 -0.62 20.71 -16.16
C LEU B 230 -0.81 21.45 -17.47
N LYS B 231 0.27 22.02 -18.02
CA LYS B 231 0.17 22.86 -19.20
C LYS B 231 -0.47 22.10 -20.36
N GLY B 232 -1.56 22.64 -20.88
CA GLY B 232 -2.23 22.07 -22.04
C GLY B 232 -3.21 20.96 -21.72
N SER B 233 -3.42 20.64 -20.46
CA SER B 233 -4.28 19.52 -20.10
C SER B 233 -5.75 19.83 -20.43
N LYS B 234 -6.49 18.77 -20.77
CA LYS B 234 -7.92 18.90 -21.00
C LYS B 234 -8.55 17.51 -20.87
N GLY B 235 -9.55 17.40 -20.00
CA GLY B 235 -10.26 16.16 -19.80
C GLY B 235 -11.63 16.15 -20.47
N VAL B 236 -12.38 15.08 -20.20
CA VAL B 236 -13.75 14.95 -20.68
C VAL B 236 -14.67 15.77 -19.80
N PRO B 237 -15.39 16.75 -20.35
CA PRO B 237 -16.31 17.55 -19.51
C PRO B 237 -17.35 16.70 -18.80
N PHE B 238 -17.73 17.14 -17.59
CA PHE B 238 -18.76 16.43 -16.84
C PHE B 238 -20.00 16.21 -17.71
N GLU B 239 -20.37 17.21 -18.49
CA GLU B 239 -21.56 17.10 -19.33
C GLU B 239 -21.41 15.99 -20.36
N PHE B 240 -20.19 15.78 -20.87
CA PHE B 240 -19.98 14.70 -21.83
C PHE B 240 -20.07 13.34 -21.13
N LEU B 241 -19.59 13.25 -19.88
CA LEU B 241 -19.72 12.00 -19.15
C LEU B 241 -21.19 11.65 -18.93
N GLN B 242 -21.99 12.65 -18.54
CA GLN B 242 -23.42 12.43 -18.39
C GLN B 242 -24.08 12.03 -19.70
N GLU B 243 -23.71 12.70 -20.79
CA GLU B 243 -24.26 12.34 -22.10
C GLU B 243 -23.86 10.93 -22.51
N SER B 244 -22.62 10.54 -22.20
N SER B 244 -22.63 10.52 -22.18
CA SER B 244 -22.17 9.19 -22.49
CA SER B 244 -22.21 9.17 -22.54
C SER B 244 -23.02 8.16 -21.77
C SER B 244 -23.00 8.12 -21.76
N VAL B 245 -23.32 8.40 -20.50
CA VAL B 245 -24.15 7.48 -19.74
C VAL B 245 -25.55 7.44 -20.35
N LYS B 246 -26.12 8.60 -20.70
CA LYS B 246 -27.42 8.59 -21.35
C LYS B 246 -27.38 7.80 -22.65
N GLY B 247 -26.23 7.78 -23.32
CA GLY B 247 -26.08 7.06 -24.56
C GLY B 247 -25.77 5.59 -24.41
N GLY B 248 -25.56 5.08 -23.20
CA GLY B 248 -25.39 3.66 -23.00
C GLY B 248 -24.08 3.24 -22.36
N ILE B 249 -23.20 4.16 -22.00
CA ILE B 249 -21.98 3.80 -21.28
C ILE B 249 -22.33 3.37 -19.85
N ASN B 250 -21.78 2.23 -19.44
CA ASN B 250 -22.04 1.67 -18.12
C ASN B 250 -20.80 1.46 -17.26
N LYS B 251 -19.61 1.50 -17.85
CA LYS B 251 -18.35 1.38 -17.13
C LYS B 251 -17.47 2.53 -17.58
N VAL B 252 -16.93 3.30 -16.62
CA VAL B 252 -16.31 4.59 -16.89
C VAL B 252 -14.90 4.56 -16.30
N ASN B 253 -13.90 4.33 -17.13
CA ASN B 253 -12.54 4.13 -16.64
C ASN B 253 -11.93 5.45 -16.18
N THR B 254 -11.46 5.49 -14.93
CA THR B 254 -11.01 6.73 -14.31
C THR B 254 -9.73 6.47 -13.52
N ASP B 255 -8.65 7.19 -13.86
CA ASP B 255 -7.34 7.01 -13.26
C ASP B 255 -6.64 8.37 -13.10
N THR B 256 -6.46 9.10 -14.20
CA THR B 256 -5.74 10.38 -14.16
C THR B 256 -6.26 11.31 -13.08
N ASP B 257 -7.59 11.48 -12.98
CA ASP B 257 -8.16 12.36 -11.96
C ASP B 257 -7.71 11.94 -10.57
N LEU B 258 -7.65 10.65 -10.33
CA LEU B 258 -7.24 10.15 -9.02
C LEU B 258 -5.78 10.49 -8.74
N ARG B 259 -4.92 10.28 -9.74
CA ARG B 259 -3.50 10.56 -9.57
C ARG B 259 -3.25 12.03 -9.27
N ILE B 260 -3.88 12.91 -10.04
CA ILE B 260 -3.65 14.34 -9.86
C ILE B 260 -4.08 14.79 -8.48
N ALA B 261 -5.28 14.38 -8.06
CA ALA B 261 -5.79 14.79 -6.74
C ALA B 261 -4.88 14.30 -5.62
N PHE B 262 -4.42 13.05 -5.73
CA PHE B 262 -3.55 12.46 -4.72
C PHE B 262 -2.21 13.18 -4.67
N ILE B 263 -1.56 13.33 -5.82
CA ILE B 263 -0.22 13.90 -5.85
C ILE B 263 -0.25 15.40 -5.52
N ALA B 264 -1.33 16.10 -5.85
CA ALA B 264 -1.43 17.50 -5.43
C ALA B 264 -1.23 17.63 -3.93
N GLU B 265 -1.84 16.74 -3.16
CA GLU B 265 -1.73 16.82 -1.70
C GLU B 265 -0.35 16.40 -1.21
N VAL B 266 0.27 15.42 -1.87
CA VAL B 266 1.65 15.05 -1.54
C VAL B 266 2.58 16.24 -1.76
N ARG B 267 2.44 16.91 -2.91
CA ARG B 267 3.26 18.09 -3.20
C ARG B 267 3.02 19.18 -2.17
N LYS B 268 1.76 19.38 -1.78
CA LYS B 268 1.44 20.42 -0.82
C LYS B 268 2.12 20.17 0.52
N VAL B 269 2.05 18.93 1.02
CA VAL B 269 2.69 18.64 2.32
C VAL B 269 4.19 18.87 2.23
N ALA B 270 4.81 18.38 1.15
CA ALA B 270 6.24 18.59 0.95
C ALA B 270 6.59 20.07 0.96
N ASN B 271 5.74 20.90 0.35
CA ASN B 271 6.03 22.32 0.23
C ASN B 271 5.94 23.02 1.58
N GLU B 272 4.98 22.64 2.40
CA GLU B 272 4.62 23.43 3.57
C GLU B 272 5.32 22.99 4.85
N ASP B 273 5.98 21.83 4.87
CA ASP B 273 6.75 21.41 6.04
C ASP B 273 7.96 20.63 5.56
N LYS B 274 9.09 21.31 5.43
CA LYS B 274 10.30 20.66 4.96
C LYS B 274 10.83 19.62 5.93
N SER B 275 10.35 19.61 7.18
CA SER B 275 10.80 18.65 8.16
C SER B 275 9.90 17.41 8.23
N GLN B 276 8.85 17.34 7.44
CA GLN B 276 7.87 16.26 7.53
C GLN B 276 8.36 15.04 6.76
N PHE B 277 8.51 13.90 7.45
CA PHE B 277 8.83 12.65 6.76
C PHE B 277 7.98 11.48 7.23
N ASP B 278 6.89 11.73 7.96
CA ASP B 278 5.93 10.68 8.29
C ASP B 278 5.07 10.43 7.06
N LEU B 279 5.16 9.23 6.48
CA LEU B 279 4.41 8.95 5.26
C LEU B 279 2.93 9.22 5.44
N ARG B 280 2.39 8.93 6.62
CA ARG B 280 0.96 9.08 6.85
C ARG B 280 0.53 10.55 6.74
N LYS B 281 1.42 11.47 7.08
CA LYS B 281 1.10 12.89 6.98
C LYS B 281 1.01 13.35 5.53
N PHE B 282 1.73 12.70 4.62
CA PHE B 282 1.57 12.98 3.20
C PHE B 282 0.33 12.30 2.64
N PHE B 283 0.09 11.06 3.04
CA PHE B 283 -0.86 10.22 2.31
C PHE B 283 -2.27 10.24 2.88
N SER B 284 -2.46 10.69 4.13
CA SER B 284 -3.83 10.87 4.62
C SER B 284 -4.55 11.98 3.86
N PRO B 285 -3.99 13.18 3.70
CA PRO B 285 -4.70 14.17 2.89
C PRO B 285 -4.83 13.77 1.43
N ALA B 286 -3.84 13.02 0.92
CA ALA B 286 -3.90 12.54 -0.44
C ALA B 286 -5.05 11.56 -0.65
N GLN B 287 -5.22 10.62 0.29
CA GLN B 287 -6.39 9.74 0.26
C GLN B 287 -7.68 10.53 0.28
N LEU B 288 -7.78 11.53 1.16
CA LEU B 288 -9.02 12.29 1.26
C LEU B 288 -9.38 12.94 -0.07
N ALA B 289 -8.39 13.55 -0.73
CA ALA B 289 -8.67 14.21 -2.00
C ALA B 289 -9.05 13.20 -3.07
N LEU B 290 -8.39 12.04 -3.10
CA LEU B 290 -8.77 11.01 -4.06
C LEU B 290 -10.18 10.51 -3.78
N LYS B 291 -10.47 10.23 -2.51
CA LYS B 291 -11.80 9.76 -2.11
C LYS B 291 -12.87 10.73 -2.59
N ASN B 292 -12.64 12.03 -2.42
CA ASN B 292 -13.67 12.99 -2.79
C ASN B 292 -13.88 13.02 -4.30
N VAL B 293 -12.81 12.88 -5.10
CA VAL B 293 -12.98 12.77 -6.54
C VAL B 293 -13.89 11.59 -6.88
N VAL B 294 -13.65 10.44 -6.25
CA VAL B 294 -14.43 9.24 -6.53
C VAL B 294 -15.88 9.43 -6.12
N LYS B 295 -16.12 10.02 -4.94
CA LYS B 295 -17.48 10.23 -4.47
C LYS B 295 -18.27 11.11 -5.44
N GLU B 296 -17.69 12.23 -5.83
CA GLU B 296 -18.35 13.11 -6.80
C GLU B 296 -18.61 12.39 -8.11
N ARG B 297 -17.66 11.57 -8.55
CA ARG B 297 -17.83 10.86 -9.83
C ARG B 297 -18.94 9.82 -9.73
N MET B 298 -19.04 9.12 -8.59
CA MET B 298 -20.13 8.18 -8.40
C MET B 298 -21.48 8.88 -8.47
N LYS B 299 -21.59 10.06 -7.87
CA LYS B 299 -22.84 10.82 -7.96
C LYS B 299 -23.12 11.23 -9.40
N LEU B 300 -22.10 11.71 -10.12
CA LEU B 300 -22.29 12.20 -11.48
C LEU B 300 -22.77 11.09 -12.40
N LEU B 301 -22.20 9.89 -12.27
CA LEU B 301 -22.49 8.79 -13.17
C LEU B 301 -23.77 8.04 -12.78
N GLY B 302 -24.32 8.28 -11.60
CA GLY B 302 -25.56 7.65 -11.19
C GLY B 302 -25.43 6.34 -10.45
N SER B 303 -24.25 5.98 -9.94
CA SER B 303 -24.10 4.75 -9.16
C SER B 303 -24.28 4.97 -7.67
N ALA B 304 -24.36 6.23 -7.23
CA ALA B 304 -24.59 6.48 -5.82
C ALA B 304 -25.97 5.94 -5.43
N ASN B 305 -26.06 5.39 -4.23
CA ASN B 305 -27.31 4.88 -3.68
C ASN B 305 -27.90 3.75 -4.50
N LYS B 306 -27.04 2.98 -5.15
CA LYS B 306 -27.48 1.85 -5.96
C LYS B 306 -27.19 0.51 -5.31
N ILE B 307 -26.67 0.47 -4.08
CA ILE B 307 -26.53 -0.79 -3.37
C ILE B 307 -27.88 -1.16 -2.76
#